data_8VE6
#
_entry.id   8VE6
#
_cell.length_a   1.00
_cell.length_b   1.00
_cell.length_c   1.00
_cell.angle_alpha   90.00
_cell.angle_beta   90.00
_cell.angle_gamma   90.00
#
_symmetry.space_group_name_H-M   'P 1'
#
loop_
_entity.id
_entity.type
_entity.pdbx_description
1 polymer Transthyretin
2 non-polymer '2-[(3,5-DICHLORO-4-TRIOXIDANYLPHENYL)AMINO]BENZOIC ACID'
#
_entity_poly.entity_id   1
_entity_poly.type   'polypeptide(L)'
_entity_poly.pdbx_seq_one_letter_code
;MDYKDDDDKDYKDDDDKGPTGTGESKCPLMVKVLDAVRGSPAINVAVHVFRKAADDTWEPFASGKTSESGELHGLTTEEE
FVEGIYKVEIDTKSYWKALGISPFHEHAEVVFTANDSGPRRYTIAALLSPYSYSTTAVVTNPKE
;
_entity_poly.pdbx_strand_id   A,B,C,D
#
# COMPACT_ATOMS: atom_id res chain seq x y z
N LYS A 26 -1.93 -26.68 9.05
CA LYS A 26 -1.57 -25.36 8.56
C LYS A 26 -0.86 -24.56 9.64
N CYS A 27 -0.20 -23.47 9.24
CA CYS A 27 0.48 -22.60 10.18
C CYS A 27 -0.54 -21.77 10.93
N PRO A 28 -0.56 -21.81 12.27
CA PRO A 28 -1.57 -21.04 13.02
C PRO A 28 -1.52 -19.55 12.71
N LEU A 29 -0.33 -18.99 12.59
CA LEU A 29 -0.17 -17.60 12.15
C LEU A 29 1.28 -17.40 11.75
N MET A 30 1.50 -16.41 10.89
CA MET A 30 2.83 -16.09 10.44
C MET A 30 2.88 -14.62 10.06
N VAL A 31 4.09 -14.07 10.05
CA VAL A 31 4.34 -12.71 9.62
C VAL A 31 5.12 -12.73 8.32
N LYS A 32 4.66 -11.98 7.34
CA LYS A 32 5.30 -11.91 6.04
C LYS A 32 5.84 -10.51 5.83
N VAL A 33 7.13 -10.41 5.54
CA VAL A 33 7.80 -9.13 5.40
C VAL A 33 8.75 -9.20 4.22
N LEU A 34 8.80 -8.13 3.44
CA LEU A 34 9.60 -8.12 2.23
C LEU A 34 9.96 -6.69 1.87
N ASP A 35 11.18 -6.50 1.37
CA ASP A 35 11.71 -5.17 1.08
C ASP A 35 11.24 -4.71 -0.29
N ALA A 36 10.78 -3.46 -0.36
CA ALA A 36 10.29 -2.87 -1.59
C ALA A 36 11.38 -2.11 -2.36
N VAL A 37 12.62 -2.12 -1.88
CA VAL A 37 13.71 -1.49 -2.61
C VAL A 37 14.56 -2.57 -3.27
N ARG A 38 15.06 -3.50 -2.46
CA ARG A 38 15.83 -4.62 -2.97
C ARG A 38 14.94 -5.66 -3.65
N GLY A 39 13.63 -5.53 -3.52
CA GLY A 39 12.72 -6.48 -4.14
C GLY A 39 12.90 -7.89 -3.62
N SER A 40 13.31 -8.03 -2.38
CA SER A 40 13.56 -9.33 -1.77
C SER A 40 12.97 -9.36 -0.38
N PRO A 41 12.59 -10.53 0.11
CA PRO A 41 12.09 -10.62 1.49
C PRO A 41 13.15 -10.20 2.49
N ALA A 42 12.68 -9.65 3.61
CA ALA A 42 13.60 -9.11 4.60
C ALA A 42 14.43 -10.23 5.23
N ILE A 43 15.73 -10.01 5.33
CA ILE A 43 16.65 -10.96 5.95
C ILE A 43 17.30 -10.26 7.13
N ASN A 44 17.28 -10.92 8.29
CA ASN A 44 17.86 -10.38 9.52
C ASN A 44 17.16 -9.10 9.97
N VAL A 45 15.84 -9.10 9.91
CA VAL A 45 15.01 -8.04 10.47
C VAL A 45 14.37 -8.59 11.73
N ALA A 46 14.77 -8.04 12.87
CA ALA A 46 14.32 -8.58 14.15
C ALA A 46 12.84 -8.35 14.36
N VAL A 47 12.16 -9.35 14.93
CA VAL A 47 10.74 -9.30 15.21
C VAL A 47 10.51 -9.67 16.66
N HIS A 48 9.37 -9.24 17.19
CA HIS A 48 9.00 -9.56 18.56
C HIS A 48 7.48 -9.66 18.67
N VAL A 49 7.03 -10.35 19.71
CA VAL A 49 5.62 -10.49 20.02
C VAL A 49 5.42 -10.19 21.49
N PHE A 50 4.21 -9.79 21.85
CA PHE A 50 3.89 -9.46 23.23
C PHE A 50 2.47 -9.95 23.53
N ARG A 51 2.01 -9.62 24.74
CA ARG A 51 0.65 -9.92 25.19
C ARG A 51 0.10 -8.69 25.89
N LYS A 52 -1.21 -8.48 25.75
CA LYS A 52 -1.86 -7.37 26.42
C LYS A 52 -2.14 -7.71 27.88
N ALA A 53 -1.71 -6.84 28.78
CA ALA A 53 -1.95 -7.02 30.20
C ALA A 53 -2.72 -5.82 30.74
N ALA A 54 -3.59 -6.09 31.72
CA ALA A 54 -4.41 -5.03 32.30
C ALA A 54 -3.56 -3.95 32.95
N ASP A 55 -2.32 -4.26 33.33
CA ASP A 55 -1.38 -3.27 33.85
C ASP A 55 -0.64 -2.54 32.74
N ASP A 56 -1.14 -2.61 31.50
CA ASP A 56 -0.55 -1.94 30.35
C ASP A 56 0.85 -2.48 30.05
N THR A 57 1.30 -3.45 30.84
CA THR A 57 2.63 -4.01 30.69
C THR A 57 2.63 -5.02 29.54
N TRP A 58 3.24 -4.64 28.42
CA TRP A 58 3.36 -5.54 27.27
C TRP A 58 4.39 -6.60 27.62
N GLU A 59 3.93 -7.65 28.29
CA GLU A 59 4.80 -8.72 28.71
C GLU A 59 5.33 -9.45 27.48
N PRO A 60 6.64 -9.52 27.28
CA PRO A 60 7.17 -10.19 26.09
C PRO A 60 6.73 -11.64 26.01
N PHE A 61 6.43 -12.08 24.80
CA PHE A 61 5.95 -13.44 24.57
C PHE A 61 6.85 -14.23 23.65
N ALA A 62 7.27 -13.66 22.53
CA ALA A 62 8.11 -14.38 21.59
C ALA A 62 8.89 -13.39 20.74
N SER A 63 9.93 -13.89 20.09
CA SER A 63 10.79 -13.08 19.24
C SER A 63 11.36 -13.96 18.14
N GLY A 64 11.92 -13.32 17.12
CA GLY A 64 12.49 -14.06 16.01
C GLY A 64 13.31 -13.17 15.11
N LYS A 65 13.95 -13.78 14.13
CA LYS A 65 14.80 -13.09 13.17
C LYS A 65 14.32 -13.41 11.76
N THR A 66 14.33 -12.40 10.90
CA THR A 66 13.85 -12.56 9.53
C THR A 66 14.86 -13.36 8.72
N SER A 67 14.43 -14.52 8.23
CA SER A 67 15.33 -15.42 7.52
C SER A 67 15.50 -14.98 6.08
N GLU A 68 16.18 -15.82 5.29
CA GLU A 68 16.38 -15.53 3.88
C GLU A 68 15.05 -15.43 3.14
N SER A 69 14.04 -16.14 3.61
CA SER A 69 12.72 -16.11 2.99
C SER A 69 11.85 -14.97 3.52
N GLY A 70 12.34 -14.22 4.50
CA GLY A 70 11.56 -13.12 5.03
C GLY A 70 10.26 -13.52 5.70
N GLU A 71 10.23 -14.70 6.32
CA GLU A 71 9.02 -15.20 6.95
C GLU A 71 9.35 -15.86 8.28
N LEU A 72 8.44 -15.70 9.24
CA LEU A 72 8.48 -16.42 10.51
C LEU A 72 7.11 -17.04 10.73
N HIS A 73 7.08 -18.32 11.06
CA HIS A 73 5.82 -19.04 11.19
C HIS A 73 5.86 -19.96 12.38
N GLY A 74 4.68 -20.39 12.80
CA GLY A 74 4.57 -21.30 13.93
C GLY A 74 4.91 -20.69 15.27
N LEU A 75 4.84 -19.36 15.37
CA LEU A 75 5.24 -18.70 16.62
C LEU A 75 4.31 -19.06 17.76
N THR A 76 3.01 -18.99 17.53
CA THR A 76 2.01 -19.25 18.57
C THR A 76 1.24 -20.51 18.21
N THR A 77 1.39 -21.54 19.02
CA THR A 77 0.70 -22.80 18.80
C THR A 77 -0.75 -22.69 19.27
N GLU A 78 -1.51 -23.77 19.10
CA GLU A 78 -2.90 -23.78 19.54
C GLU A 78 -3.00 -23.58 21.05
N GLU A 79 -2.11 -24.23 21.81
CA GLU A 79 -2.11 -24.05 23.26
C GLU A 79 -1.54 -22.69 23.66
N GLU A 80 -0.45 -22.27 23.00
CA GLU A 80 0.18 -21.00 23.35
C GLU A 80 -0.74 -19.82 23.06
N PHE A 81 -1.39 -19.83 21.90
CA PHE A 81 -2.25 -18.71 21.51
C PHE A 81 -3.59 -18.79 22.24
N VAL A 82 -4.10 -17.61 22.61
CA VAL A 82 -5.40 -17.50 23.28
C VAL A 82 -6.17 -16.36 22.65
N GLU A 83 -7.49 -16.37 22.85
CA GLU A 83 -8.37 -15.35 22.29
C GLU A 83 -8.18 -14.05 23.07
N GLY A 84 -7.47 -13.10 22.49
CA GLY A 84 -7.21 -11.84 23.15
C GLY A 84 -6.59 -10.80 22.24
N ILE A 85 -5.87 -9.87 22.86
CA ILE A 85 -5.21 -8.77 22.17
C ILE A 85 -3.73 -9.07 22.07
N TYR A 86 -3.14 -8.77 20.92
CA TYR A 86 -1.73 -9.06 20.68
C TYR A 86 -1.05 -7.87 20.04
N LYS A 87 0.24 -8.03 19.77
CA LYS A 87 1.01 -7.02 19.06
C LYS A 87 2.21 -7.71 18.41
N VAL A 88 2.58 -7.23 17.22
CA VAL A 88 3.76 -7.69 16.51
C VAL A 88 4.66 -6.49 16.30
N GLU A 89 5.92 -6.61 16.73
CA GLU A 89 6.89 -5.54 16.62
C GLU A 89 8.03 -6.00 15.73
N ILE A 90 8.36 -5.20 14.72
CA ILE A 90 9.39 -5.53 13.74
C ILE A 90 10.47 -4.47 13.80
N ASP A 91 11.72 -4.91 14.03
CA ASP A 91 12.84 -3.97 14.16
C ASP A 91 13.22 -3.47 12.78
N THR A 92 12.41 -2.54 12.28
CA THR A 92 12.65 -2.00 10.95
C THR A 92 13.94 -1.20 10.88
N LYS A 93 14.23 -0.39 11.90
CA LYS A 93 15.36 0.52 11.82
C LYS A 93 16.68 -0.23 11.76
N SER A 94 16.80 -1.32 12.51
CA SER A 94 18.01 -2.14 12.43
C SER A 94 18.16 -2.73 11.03
N TYR A 95 17.04 -3.00 10.37
CA TYR A 95 17.09 -3.63 9.05
C TYR A 95 17.73 -2.70 8.01
N TRP A 96 17.50 -1.40 8.14
CA TRP A 96 17.96 -0.47 7.11
C TRP A 96 19.40 -0.02 7.36
N LYS A 97 19.75 0.24 8.62
CA LYS A 97 21.07 0.81 8.92
C LYS A 97 22.19 -0.13 8.49
N ALA A 98 21.99 -1.43 8.68
CA ALA A 98 22.98 -2.40 8.21
C ALA A 98 23.18 -2.28 6.71
N LEU A 99 22.09 -2.08 5.97
CA LEU A 99 22.17 -1.81 4.55
C LEU A 99 22.70 -0.41 4.24
N GLY A 100 23.15 0.32 5.27
CA GLY A 100 23.62 1.67 5.06
C GLY A 100 22.52 2.66 4.78
N ILE A 101 21.27 2.29 5.02
CA ILE A 101 20.12 3.14 4.74
C ILE A 101 19.61 3.71 6.05
N SER A 102 19.32 5.02 6.05
CA SER A 102 18.85 5.71 7.24
C SER A 102 17.33 5.88 7.16
N PRO A 103 16.54 5.05 7.83
CA PRO A 103 15.10 5.12 7.69
C PRO A 103 14.48 6.19 8.57
N PHE A 104 13.16 6.28 8.48
CA PHE A 104 12.34 7.20 9.26
C PHE A 104 11.65 6.52 10.42
N HIS A 105 10.96 5.41 10.16
CA HIS A 105 10.28 4.69 11.22
C HIS A 105 11.29 3.99 12.13
N GLU A 106 11.15 4.19 13.43
CA GLU A 106 11.98 3.45 14.38
C GLU A 106 11.61 1.97 14.39
N HIS A 107 10.33 1.67 14.32
CA HIS A 107 9.85 0.30 14.17
C HIS A 107 8.38 0.36 13.77
N ALA A 108 7.76 -0.81 13.66
CA ALA A 108 6.38 -0.93 13.25
C ALA A 108 5.62 -1.78 14.25
N GLU A 109 4.31 -1.55 14.34
CA GLU A 109 3.46 -2.26 15.28
C GLU A 109 2.17 -2.67 14.59
N VAL A 110 1.69 -3.86 14.90
CA VAL A 110 0.47 -4.41 14.30
C VAL A 110 -0.42 -4.85 15.46
N VAL A 111 -1.31 -3.96 15.89
CA VAL A 111 -2.16 -4.20 17.06
C VAL A 111 -3.53 -4.67 16.58
N PHE A 112 -4.05 -5.73 17.20
CA PHE A 112 -5.26 -6.34 16.69
C PHE A 112 -5.87 -7.23 17.77
N THR A 113 -7.02 -7.81 17.43
CA THR A 113 -7.69 -8.82 18.23
C THR A 113 -7.75 -10.12 17.43
N ALA A 114 -8.02 -11.22 18.13
CA ALA A 114 -7.99 -12.52 17.48
C ALA A 114 -8.97 -13.47 18.16
N ASN A 115 -9.35 -14.51 17.41
CA ASN A 115 -10.24 -15.58 17.90
C ASN A 115 -11.49 -15.01 18.54
N ASP A 116 -12.15 -14.08 17.83
CA ASP A 116 -13.39 -13.51 18.34
C ASP A 116 -14.46 -14.57 18.48
N SER A 117 -14.54 -15.51 17.54
CA SER A 117 -15.54 -16.56 17.56
C SER A 117 -14.93 -17.93 17.25
N GLY A 118 -13.70 -18.17 17.69
CA GLY A 118 -13.08 -19.46 17.52
C GLY A 118 -11.69 -19.38 16.92
N PRO A 119 -11.02 -20.53 16.82
CA PRO A 119 -9.66 -20.54 16.27
C PRO A 119 -9.65 -20.28 14.77
N ARG A 120 -8.67 -19.50 14.34
CA ARG A 120 -8.56 -19.11 12.93
C ARG A 120 -7.09 -19.02 12.55
N ARG A 121 -6.86 -18.90 11.25
CA ARG A 121 -5.52 -18.76 10.69
C ARG A 121 -5.32 -17.33 10.22
N TYR A 122 -4.19 -16.73 10.62
CA TYR A 122 -3.90 -15.33 10.29
C TYR A 122 -2.53 -15.24 9.64
N THR A 123 -2.47 -14.54 8.51
CA THR A 123 -1.21 -14.21 7.86
C THR A 123 -1.21 -12.73 7.55
N ILE A 124 -0.18 -12.02 8.00
CA ILE A 124 -0.12 -10.57 7.89
C ILE A 124 1.02 -10.19 6.96
N ALA A 125 0.87 -9.07 6.27
CA ALA A 125 1.88 -8.59 5.33
C ALA A 125 2.66 -7.43 5.93
N ALA A 126 3.85 -7.21 5.39
CA ALA A 126 4.69 -6.10 5.86
C ALA A 126 5.56 -5.65 4.70
N LEU A 127 5.09 -4.62 3.99
CA LEU A 127 5.82 -4.05 2.86
C LEU A 127 6.71 -2.93 3.38
N LEU A 128 7.96 -3.23 3.65
CA LEU A 128 8.89 -2.22 4.15
C LEU A 128 9.44 -1.36 3.04
N SER A 129 9.49 -0.07 3.28
CA SER A 129 10.23 0.88 2.48
C SER A 129 10.89 1.85 3.45
N PRO A 130 11.97 2.51 3.03
CA PRO A 130 12.71 3.35 4.00
C PRO A 130 11.86 4.39 4.69
N TYR A 131 10.91 5.02 4.00
CA TYR A 131 10.09 6.03 4.64
C TYR A 131 8.60 5.67 4.63
N SER A 132 8.26 4.41 4.42
CA SER A 132 6.85 4.03 4.43
C SER A 132 6.73 2.53 4.63
N TYR A 133 5.52 2.12 4.99
CA TYR A 133 5.23 0.70 5.15
C TYR A 133 3.72 0.52 5.08
N SER A 134 3.30 -0.72 4.84
CA SER A 134 1.90 -1.04 4.77
C SER A 134 1.69 -2.48 5.24
N THR A 135 0.51 -2.76 5.78
CA THR A 135 0.23 -4.07 6.31
C THR A 135 -1.16 -4.50 5.88
N THR A 136 -1.38 -5.82 5.88
CA THR A 136 -2.64 -6.39 5.49
C THR A 136 -2.73 -7.79 6.09
N ALA A 137 -3.91 -8.15 6.57
CA ALA A 137 -4.11 -9.43 7.23
C ALA A 137 -5.34 -10.12 6.65
N VAL A 138 -5.30 -11.45 6.67
CA VAL A 138 -6.34 -12.27 6.08
C VAL A 138 -6.82 -13.27 7.11
N VAL A 139 -8.09 -13.64 7.02
CA VAL A 139 -8.70 -14.62 7.90
C VAL A 139 -9.41 -15.67 7.05
N THR A 140 -9.28 -16.93 7.43
CA THR A 140 -9.87 -18.04 6.69
C THR A 140 -10.96 -18.68 7.53
N ASN A 141 -12.16 -18.75 6.96
CA ASN A 141 -13.29 -19.32 7.67
C ASN A 141 -13.09 -20.82 7.88
N PRO A 142 -13.73 -21.41 8.92
CA PRO A 142 -13.62 -22.84 9.17
C PRO A 142 -14.09 -23.69 7.99
N LYS B 26 -0.36 23.85 7.56
CA LYS B 26 0.96 24.46 7.73
C LYS B 26 1.54 24.14 9.11
N CYS B 27 1.67 22.86 9.40
CA CYS B 27 2.18 22.37 10.67
C CYS B 27 3.22 21.29 10.43
N PRO B 28 4.16 21.11 11.37
CA PRO B 28 5.16 20.05 11.20
C PRO B 28 4.61 18.65 11.37
N LEU B 29 3.33 18.50 11.70
CA LEU B 29 2.74 17.18 11.90
C LEU B 29 1.33 17.18 11.31
N MET B 30 1.19 16.63 10.11
CA MET B 30 -0.10 16.53 9.45
C MET B 30 -0.41 15.06 9.22
N VAL B 31 -1.59 14.62 9.66
CA VAL B 31 -2.00 13.22 9.54
C VAL B 31 -3.24 13.17 8.67
N LYS B 32 -3.16 12.42 7.57
CA LYS B 32 -4.26 12.28 6.64
C LYS B 32 -4.71 10.84 6.62
N VAL B 33 -6.02 10.62 6.71
CA VAL B 33 -6.60 9.28 6.77
C VAL B 33 -7.67 9.17 5.69
N LEU B 34 -7.57 8.13 4.87
CA LEU B 34 -8.46 7.94 3.73
C LEU B 34 -9.13 6.58 3.82
N ASP B 35 -10.35 6.49 3.29
CA ASP B 35 -11.09 5.25 3.26
C ASP B 35 -10.90 4.58 1.90
N ALA B 36 -10.39 3.35 1.90
CA ALA B 36 -10.18 2.60 0.67
C ALA B 36 -11.33 1.66 0.35
N VAL B 37 -12.54 1.99 0.79
CA VAL B 37 -13.74 1.26 0.36
C VAL B 37 -14.74 2.27 -0.18
N ARG B 38 -15.09 3.26 0.65
CA ARG B 38 -15.98 4.32 0.21
C ARG B 38 -15.26 5.36 -0.64
N GLY B 39 -13.92 5.35 -0.66
CA GLY B 39 -13.19 6.33 -1.43
C GLY B 39 -13.45 7.76 -1.02
N SER B 40 -13.53 8.01 0.28
CA SER B 40 -13.73 9.34 0.81
C SER B 40 -12.72 9.61 1.91
N PRO B 41 -12.36 10.87 2.13
CA PRO B 41 -11.53 11.20 3.28
C PRO B 41 -12.21 10.76 4.56
N ALA B 42 -11.45 10.11 5.44
CA ALA B 42 -12.03 9.56 6.65
C ALA B 42 -12.48 10.68 7.58
N ILE B 43 -13.64 10.50 8.21
CA ILE B 43 -14.19 11.48 9.13
C ILE B 43 -14.52 10.77 10.43
N ASN B 44 -14.52 11.56 11.52
CA ASN B 44 -14.80 11.05 12.86
C ASN B 44 -13.88 9.89 13.20
N VAL B 45 -12.57 10.15 13.17
CA VAL B 45 -11.55 9.16 13.45
C VAL B 45 -10.72 9.68 14.62
N ALA B 46 -10.64 8.90 15.69
CA ALA B 46 -9.91 9.33 16.87
C ALA B 46 -8.41 9.26 16.62
N VAL B 47 -7.71 10.33 16.99
CA VAL B 47 -6.27 10.43 16.83
C VAL B 47 -5.67 10.79 18.18
N HIS B 48 -4.55 10.16 18.51
CA HIS B 48 -3.85 10.47 19.75
C HIS B 48 -2.35 10.51 19.48
N VAL B 49 -1.67 11.47 20.12
CA VAL B 49 -0.23 11.63 19.97
C VAL B 49 0.41 11.50 21.34
N PHE B 50 1.44 10.67 21.45
CA PHE B 50 2.15 10.45 22.69
C PHE B 50 3.58 10.95 22.56
N ARG B 51 4.40 10.62 23.56
CA ARG B 51 5.84 10.86 23.51
C ARG B 51 6.49 10.00 24.57
N LYS B 52 7.57 9.32 24.18
CA LYS B 52 8.31 8.52 25.15
C LYS B 52 8.98 9.43 26.17
N ALA B 53 8.79 9.13 27.44
CA ALA B 53 9.41 9.88 28.52
C ALA B 53 10.75 9.26 28.89
N ALA B 54 11.43 9.91 29.84
CA ALA B 54 12.72 9.41 30.30
C ALA B 54 12.59 8.01 30.91
N ASP B 55 11.42 7.69 31.46
CA ASP B 55 11.16 6.38 32.03
C ASP B 55 10.52 5.43 31.03
N ASP B 56 10.77 5.63 29.73
CA ASP B 56 10.17 4.83 28.67
C ASP B 56 8.65 4.83 28.78
N THR B 57 8.10 6.00 29.11
CA THR B 57 6.67 6.16 29.31
C THR B 57 6.10 7.06 28.22
N TRP B 58 4.97 6.64 27.65
CA TRP B 58 4.31 7.41 26.60
C TRP B 58 3.47 8.49 27.25
N GLU B 59 4.13 9.60 27.59
CA GLU B 59 3.41 10.73 28.17
C GLU B 59 2.47 11.32 27.12
N PRO B 60 1.20 11.52 27.44
CA PRO B 60 0.26 12.05 26.44
C PRO B 60 0.74 13.39 25.91
N PHE B 61 0.52 13.60 24.62
CA PHE B 61 0.93 14.83 23.95
C PHE B 61 -0.24 15.57 23.34
N ALA B 62 -1.08 14.90 22.57
CA ALA B 62 -2.22 15.56 21.92
C ALA B 62 -3.19 14.50 21.43
N SER B 63 -4.40 14.94 21.11
CA SER B 63 -5.44 14.06 20.60
C SER B 63 -6.44 14.88 19.80
N GLY B 64 -7.24 14.18 18.99
CA GLY B 64 -8.24 14.86 18.19
C GLY B 64 -9.03 13.87 17.36
N LYS B 65 -10.01 14.41 16.64
CA LYS B 65 -10.88 13.64 15.76
C LYS B 65 -10.75 14.16 14.33
N THR B 66 -10.71 13.23 13.38
CA THR B 66 -10.50 13.56 11.97
C THR B 66 -11.79 14.10 11.36
N SER B 67 -11.67 15.22 10.64
CA SER B 67 -12.81 15.91 10.07
C SER B 67 -13.25 15.24 8.77
N GLU B 68 -14.27 15.82 8.13
CA GLU B 68 -14.73 15.31 6.85
C GLU B 68 -13.75 15.60 5.72
N SER B 69 -12.85 16.56 5.91
CA SER B 69 -11.80 16.78 4.93
C SER B 69 -10.74 15.69 4.96
N GLY B 70 -10.73 14.88 6.03
CA GLY B 70 -9.78 13.79 6.14
C GLY B 70 -8.41 14.18 6.59
N GLU B 71 -8.17 15.45 6.93
CA GLU B 71 -6.87 15.92 7.35
C GLU B 71 -6.95 16.33 8.82
N LEU B 72 -6.08 15.74 9.64
CA LEU B 72 -6.00 16.10 11.05
C LEU B 72 -4.90 17.14 11.23
N HIS B 73 -5.17 18.13 12.06
CA HIS B 73 -4.28 19.27 12.19
C HIS B 73 -4.51 19.94 13.54
N GLY B 74 -3.62 20.87 13.88
CA GLY B 74 -3.69 21.54 15.15
C GLY B 74 -3.21 20.70 16.32
N LEU B 75 -2.25 19.81 16.08
CA LEU B 75 -1.78 18.89 17.12
C LEU B 75 -0.52 19.38 17.81
N THR B 76 0.37 20.05 17.09
CA THR B 76 1.63 20.49 17.68
C THR B 76 2.17 21.70 16.92
N THR B 77 3.12 22.36 17.56
CA THR B 77 3.85 23.49 16.96
C THR B 77 5.31 23.39 17.38
N GLU B 78 6.16 24.07 16.61
CA GLU B 78 7.60 23.99 16.86
C GLU B 78 7.95 24.44 18.27
N GLU B 79 7.15 25.31 18.86
CA GLU B 79 7.36 25.68 20.26
C GLU B 79 7.17 24.47 21.17
N GLU B 80 6.14 23.67 20.91
CA GLU B 80 5.89 22.45 21.66
C GLU B 80 6.56 21.23 21.04
N PHE B 81 6.83 21.25 19.74
CA PHE B 81 7.48 20.14 19.06
C PHE B 81 8.97 20.19 19.35
N VAL B 82 9.51 19.11 19.93
CA VAL B 82 10.91 19.02 20.29
C VAL B 82 11.46 17.69 19.81
N GLU B 83 12.78 17.54 19.91
CA GLU B 83 13.42 16.30 19.50
C GLU B 83 13.02 15.16 20.44
N GLY B 84 12.95 13.96 19.88
CA GLY B 84 12.66 12.79 20.68
C GLY B 84 11.90 11.77 19.86
N ILE B 85 11.57 10.67 20.53
CA ILE B 85 10.79 9.58 19.93
C ILE B 85 9.32 9.83 20.20
N TYR B 86 8.50 9.75 19.16
CA TYR B 86 7.09 10.06 19.26
C TYR B 86 6.26 8.85 18.86
N LYS B 87 4.96 8.95 19.09
CA LYS B 87 4.03 7.90 18.69
C LYS B 87 2.72 8.54 18.26
N VAL B 88 2.13 8.01 17.18
CA VAL B 88 0.88 8.49 16.63
C VAL B 88 -0.13 7.37 16.69
N GLU B 89 -1.28 7.66 17.28
CA GLU B 89 -2.35 6.69 17.48
C GLU B 89 -3.51 7.05 16.58
N ILE B 90 -3.99 6.09 15.80
CA ILE B 90 -5.16 6.27 14.95
C ILE B 90 -6.15 5.16 15.31
N ASP B 91 -7.29 5.54 15.86
CA ASP B 91 -8.31 4.57 16.19
C ASP B 91 -8.97 4.05 14.91
N THR B 92 -9.45 2.81 14.98
CA THR B 92 -10.07 2.19 13.82
C THR B 92 -11.44 1.63 14.17
N LYS B 93 -11.58 1.09 15.38
CA LYS B 93 -12.84 0.48 15.78
C LYS B 93 -14.01 1.44 15.66
N SER B 94 -13.83 2.67 16.15
CA SER B 94 -14.89 3.67 16.04
C SER B 94 -15.20 3.99 14.59
N TYR B 95 -14.24 3.82 13.70
CA TYR B 95 -14.44 4.18 12.30
C TYR B 95 -15.44 3.24 11.64
N TRP B 96 -15.27 1.93 11.83
CA TRP B 96 -16.08 0.95 11.12
C TRP B 96 -17.24 0.41 11.95
N LYS B 97 -17.04 0.19 13.24
CA LYS B 97 -18.12 -0.36 14.05
C LYS B 97 -19.30 0.59 14.13
N ALA B 98 -19.03 1.89 14.33
CA ALA B 98 -20.09 2.88 14.22
C ALA B 98 -20.64 2.93 12.80
N LEU B 99 -19.80 2.68 11.81
CA LEU B 99 -20.25 2.56 10.43
C LEU B 99 -20.96 1.25 10.16
N GLY B 100 -20.66 0.21 10.93
CA GLY B 100 -21.27 -1.08 10.72
C GLY B 100 -20.40 -2.13 10.07
N ILE B 101 -19.12 -1.82 9.82
CA ILE B 101 -18.18 -2.78 9.29
C ILE B 101 -17.44 -3.42 10.45
N SER B 102 -16.94 -4.64 10.24
CA SER B 102 -16.26 -5.38 11.31
C SER B 102 -14.76 -5.36 11.03
N PRO B 103 -13.99 -4.56 11.75
CA PRO B 103 -12.56 -4.43 11.44
C PRO B 103 -11.75 -5.67 11.80
N PHE B 104 -10.44 -5.57 11.59
CA PHE B 104 -9.48 -6.52 12.14
C PHE B 104 -8.47 -5.86 13.05
N HIS B 105 -7.79 -4.82 12.59
CA HIS B 105 -6.74 -4.20 13.39
C HIS B 105 -7.33 -3.42 14.55
N GLU B 106 -6.70 -3.57 15.72
CA GLU B 106 -7.15 -2.83 16.89
C GLU B 106 -7.03 -1.34 16.69
N HIS B 107 -5.92 -0.90 16.11
CA HIS B 107 -5.68 0.51 15.82
C HIS B 107 -4.41 0.61 14.97
N ALA B 108 -4.07 1.82 14.59
CA ALA B 108 -2.87 2.09 13.81
C ALA B 108 -1.89 2.89 14.66
N GLU B 109 -0.67 2.38 14.79
CA GLU B 109 0.36 3.01 15.62
C GLU B 109 1.57 3.32 14.75
N VAL B 110 1.93 4.59 14.68
CA VAL B 110 3.09 5.04 13.92
C VAL B 110 4.08 5.65 14.91
N VAL B 111 5.27 5.06 14.98
CA VAL B 111 6.31 5.49 15.91
C VAL B 111 7.54 5.85 15.11
N PHE B 112 8.16 6.98 15.44
CA PHE B 112 9.24 7.49 14.62
C PHE B 112 10.06 8.48 15.41
N THR B 113 11.34 8.57 15.06
CA THR B 113 12.16 9.66 15.56
C THR B 113 11.72 10.96 14.91
N ALA B 114 12.00 12.07 15.60
CA ALA B 114 11.58 13.37 15.10
C ALA B 114 12.61 14.42 15.50
N ASN B 115 12.82 15.38 14.61
CA ASN B 115 13.68 16.54 14.87
C ASN B 115 15.08 16.11 15.31
N ASP B 116 15.61 15.06 14.66
CA ASP B 116 16.98 14.64 14.95
C ASP B 116 17.97 15.75 14.64
N SER B 117 17.81 16.40 13.49
CA SER B 117 18.63 17.56 13.14
C SER B 117 17.86 18.36 12.11
N GLY B 118 17.31 19.50 12.52
CA GLY B 118 16.50 20.31 11.64
C GLY B 118 15.04 19.95 11.74
N PRO B 119 14.24 20.87 12.28
CA PRO B 119 12.81 20.59 12.48
C PRO B 119 12.04 20.55 11.16
N ARG B 120 12.29 19.53 10.35
CA ARG B 120 11.56 19.40 9.09
C ARG B 120 10.10 19.06 9.36
N ARG B 121 9.22 19.60 8.52
CA ARG B 121 7.80 19.32 8.65
C ARG B 121 7.51 17.87 8.25
N TYR B 122 6.70 17.20 9.06
CA TYR B 122 6.39 15.78 8.87
C TYR B 122 4.92 15.64 8.51
N THR B 123 4.65 14.86 7.46
CA THR B 123 3.29 14.52 7.08
C THR B 123 3.13 13.01 7.15
N ILE B 124 2.05 12.56 7.79
CA ILE B 124 1.78 11.15 7.99
C ILE B 124 0.53 10.79 7.20
N ALA B 125 0.63 9.78 6.34
CA ALA B 125 -0.45 9.38 5.47
C ALA B 125 -0.95 7.99 5.85
N ALA B 126 -2.26 7.81 5.84
CA ALA B 126 -2.87 6.56 6.28
C ALA B 126 -3.97 6.17 5.32
N LEU B 127 -3.75 5.12 4.55
CA LEU B 127 -4.74 4.57 3.63
C LEU B 127 -5.43 3.42 4.33
N LEU B 128 -6.67 3.61 4.75
CA LEU B 128 -7.37 2.64 5.58
C LEU B 128 -8.28 1.75 4.76
N SER B 129 -8.19 0.47 5.01
CA SER B 129 -9.13 -0.53 4.53
C SER B 129 -9.56 -1.37 5.73
N PRO B 130 -10.73 -2.00 5.68
CA PRO B 130 -11.21 -2.76 6.84
C PRO B 130 -10.25 -3.83 7.31
N TYR B 131 -9.46 -4.42 6.41
CA TYR B 131 -8.52 -5.47 6.81
C TYR B 131 -7.09 -5.14 6.42
N SER B 132 -6.81 -3.87 6.12
CA SER B 132 -5.46 -3.48 5.73
C SER B 132 -5.32 -1.98 5.85
N TYR B 133 -4.07 -1.53 5.99
CA TYR B 133 -3.79 -0.11 6.04
C TYR B 133 -2.36 0.12 5.60
N SER B 134 -2.07 1.37 5.26
CA SER B 134 -0.76 1.76 4.77
C SER B 134 -0.34 3.06 5.45
N THR B 135 0.97 3.22 5.60
CA THR B 135 1.53 4.40 6.26
C THR B 135 2.70 4.90 5.45
N THR B 136 2.79 6.22 5.32
CA THR B 136 3.91 6.84 4.62
C THR B 136 4.20 8.19 5.25
N ALA B 137 5.44 8.62 5.15
CA ALA B 137 5.89 9.85 5.77
C ALA B 137 6.45 10.80 4.72
N VAL B 138 6.00 12.05 4.76
CA VAL B 138 6.53 13.10 3.90
C VAL B 138 7.33 14.05 4.78
N VAL B 139 8.63 14.13 4.52
CA VAL B 139 9.54 14.95 5.30
C VAL B 139 10.12 16.02 4.39
N THR B 140 10.16 17.26 4.88
CA THR B 140 10.72 18.35 4.11
C THR B 140 11.16 19.46 5.07
N ASN B 141 12.35 19.98 4.83
CA ASN B 141 12.82 21.13 5.58
C ASN B 141 12.05 22.37 5.14
N PRO B 142 11.32 23.05 6.04
CA PRO B 142 10.51 24.21 5.66
C PRO B 142 11.33 25.38 5.15
N CYS C 27 8.88 -21.00 -10.20
CA CYS C 27 7.86 -19.97 -9.95
C CYS C 27 8.06 -18.77 -10.87
N PRO C 28 7.72 -18.94 -12.15
CA PRO C 28 7.92 -17.84 -13.11
C PRO C 28 7.05 -16.62 -12.83
N LEU C 29 5.73 -16.81 -12.79
CA LEU C 29 4.78 -15.76 -12.43
C LEU C 29 3.75 -16.34 -11.47
N MET C 30 4.05 -16.30 -10.19
CA MET C 30 3.07 -16.59 -9.15
C MET C 30 2.46 -15.26 -8.75
N VAL C 31 1.54 -14.76 -9.58
CA VAL C 31 0.97 -13.43 -9.41
C VAL C 31 -0.18 -13.55 -8.43
N LYS C 32 0.12 -13.35 -7.15
CA LYS C 32 -0.85 -13.47 -6.09
C LYS C 32 -1.73 -12.24 -6.03
N VAL C 33 -3.02 -12.46 -5.79
CA VAL C 33 -3.99 -11.38 -5.65
C VAL C 33 -4.72 -11.57 -4.33
N LEU C 34 -4.86 -10.48 -3.58
CA LEU C 34 -5.40 -10.54 -2.22
C LEU C 34 -6.52 -9.54 -2.08
N ASP C 35 -7.60 -9.97 -1.41
CA ASP C 35 -8.74 -9.10 -1.16
C ASP C 35 -8.52 -8.46 0.21
N ALA C 36 -8.47 -7.13 0.23
CA ALA C 36 -8.21 -6.40 1.47
C ALA C 36 -9.46 -6.09 2.26
N VAL C 37 -10.63 -6.53 1.81
CA VAL C 37 -11.88 -6.35 2.54
C VAL C 37 -12.38 -7.66 3.12
N ARG C 38 -12.57 -8.67 2.27
CA ARG C 38 -12.97 -9.98 2.74
C ARG C 38 -11.86 -10.71 3.49
N GLY C 39 -10.65 -10.18 3.48
CA GLY C 39 -9.54 -10.79 4.19
C GLY C 39 -9.27 -12.19 3.70
N SER C 40 -9.28 -12.38 2.39
CA SER C 40 -9.04 -13.68 1.79
C SER C 40 -8.44 -13.46 0.41
N PRO C 41 -7.75 -14.45 -0.15
CA PRO C 41 -7.29 -14.33 -1.53
C PRO C 41 -8.46 -14.15 -2.48
N ALA C 42 -8.24 -13.35 -3.52
CA ALA C 42 -9.29 -13.03 -4.48
C ALA C 42 -9.43 -14.19 -5.46
N ILE C 43 -10.42 -15.03 -5.23
CA ILE C 43 -10.63 -16.20 -6.06
C ILE C 43 -11.66 -15.89 -7.13
N ASN C 44 -11.66 -16.69 -8.20
CA ASN C 44 -12.58 -16.52 -9.33
C ASN C 44 -12.45 -15.13 -9.95
N VAL C 45 -11.22 -14.62 -10.01
CA VAL C 45 -10.92 -13.33 -10.61
C VAL C 45 -10.15 -13.62 -11.89
N ALA C 46 -10.75 -13.29 -13.04
CA ALA C 46 -10.13 -13.58 -14.31
C ALA C 46 -8.91 -12.70 -14.53
N VAL C 47 -7.85 -13.30 -15.07
CA VAL C 47 -6.60 -12.61 -15.34
C VAL C 47 -6.21 -12.86 -16.80
N HIS C 48 -5.58 -11.88 -17.43
CA HIS C 48 -5.14 -11.98 -18.81
C HIS C 48 -3.70 -11.51 -18.92
N VAL C 49 -2.94 -12.19 -19.78
CA VAL C 49 -1.53 -11.89 -19.97
C VAL C 49 -1.33 -11.46 -21.41
N PHE C 50 -0.33 -10.61 -21.63
CA PHE C 50 0.01 -10.14 -22.96
C PHE C 50 1.52 -10.16 -23.14
N ARG C 51 1.94 -10.12 -24.40
CA ARG C 51 3.34 -9.99 -24.77
C ARG C 51 3.53 -8.72 -25.57
N LYS C 52 4.77 -8.22 -25.58
CA LYS C 52 5.08 -7.03 -26.36
C LYS C 52 5.18 -7.39 -27.84
N ALA C 53 4.17 -6.98 -28.61
CA ALA C 53 4.21 -7.14 -30.06
C ALA C 53 4.96 -5.98 -30.67
N ALA C 54 5.69 -6.27 -31.76
CA ALA C 54 6.53 -5.25 -32.38
C ALA C 54 5.73 -4.06 -32.90
N ASP C 55 4.45 -4.25 -33.19
CA ASP C 55 3.60 -3.18 -33.70
C ASP C 55 2.90 -2.41 -32.58
N ASP C 56 3.50 -2.35 -31.39
CA ASP C 56 2.91 -1.67 -30.23
C ASP C 56 1.54 -2.23 -29.90
N THR C 57 1.34 -3.53 -30.15
CA THR C 57 0.09 -4.21 -29.86
C THR C 57 0.31 -5.18 -28.71
N TRP C 58 -0.79 -5.70 -28.18
CA TRP C 58 -0.76 -6.61 -27.05
C TRP C 58 -1.39 -7.93 -27.47
N GLU C 59 -0.57 -8.90 -27.82
CA GLU C 59 -1.06 -10.20 -28.24
C GLU C 59 -1.57 -10.97 -27.03
N PRO C 60 -2.79 -11.46 -27.04
CA PRO C 60 -3.30 -12.22 -25.90
C PRO C 60 -2.51 -13.51 -25.73
N PHE C 61 -2.28 -13.89 -24.47
CA PHE C 61 -1.47 -15.06 -24.17
C PHE C 61 -2.19 -16.13 -23.37
N ALA C 62 -2.83 -15.77 -22.27
CA ALA C 62 -3.46 -16.77 -21.41
C ALA C 62 -4.53 -16.13 -20.54
N SER C 63 -5.38 -16.98 -19.98
CA SER C 63 -6.47 -16.54 -19.13
C SER C 63 -6.90 -17.70 -18.25
N GLY C 64 -7.71 -17.40 -17.23
CA GLY C 64 -8.23 -18.43 -16.36
C GLY C 64 -8.90 -17.85 -15.14
N LYS C 65 -9.59 -18.74 -14.42
CA LYS C 65 -10.27 -18.41 -13.18
C LYS C 65 -9.95 -19.47 -12.13
N THR C 66 -9.87 -19.06 -10.87
CA THR C 66 -9.57 -19.98 -9.79
C THR C 66 -10.86 -20.47 -9.12
N SER C 67 -10.71 -21.52 -8.32
CA SER C 67 -11.84 -22.19 -7.69
C SER C 67 -11.99 -21.85 -6.21
N GLU C 68 -10.90 -21.97 -5.43
CA GLU C 68 -10.95 -21.64 -4.01
C GLU C 68 -9.95 -20.56 -3.61
N SER C 69 -8.69 -20.70 -4.02
CA SER C 69 -7.64 -19.78 -3.63
C SER C 69 -7.31 -18.81 -4.75
N GLY C 70 -7.00 -17.58 -4.38
CA GLY C 70 -6.70 -16.53 -5.34
C GLY C 70 -5.24 -16.41 -5.70
N GLU C 71 -4.73 -17.35 -6.50
CA GLU C 71 -3.35 -17.34 -6.94
C GLU C 71 -3.30 -17.65 -8.43
N LEU C 72 -2.24 -17.18 -9.08
CA LEU C 72 -2.03 -17.38 -10.50
C LEU C 72 -0.75 -18.18 -10.72
N HIS C 73 -0.83 -19.21 -11.56
CA HIS C 73 0.30 -20.09 -11.81
C HIS C 73 0.01 -20.91 -13.06
N GLY C 74 1.03 -21.62 -13.53
CA GLY C 74 0.86 -22.49 -14.68
C GLY C 74 0.45 -21.77 -15.94
N LEU C 75 0.93 -20.55 -16.13
CA LEU C 75 0.57 -19.76 -17.30
C LEU C 75 1.71 -19.62 -18.31
N THR C 76 2.91 -19.27 -17.85
CA THR C 76 4.06 -19.10 -18.74
C THR C 76 5.17 -20.05 -18.31
N THR C 77 5.75 -20.73 -19.30
CA THR C 77 6.79 -21.71 -19.08
C THR C 77 8.15 -21.09 -19.36
N GLU C 78 9.20 -21.79 -18.94
CA GLU C 78 10.56 -21.26 -19.04
C GLU C 78 10.93 -20.94 -20.48
N GLU C 79 10.35 -21.66 -21.43
CA GLU C 79 10.58 -21.41 -22.84
C GLU C 79 9.63 -20.37 -23.43
N GLU C 80 8.61 -19.94 -22.68
CA GLU C 80 7.65 -18.98 -23.22
C GLU C 80 8.08 -17.54 -23.01
N PHE C 81 9.18 -17.30 -22.32
CA PHE C 81 9.58 -15.95 -21.94
C PHE C 81 10.34 -15.27 -23.07
N VAL C 82 10.39 -13.94 -22.97
CA VAL C 82 11.15 -13.10 -23.88
C VAL C 82 11.83 -12.00 -23.06
N GLU C 83 12.95 -11.49 -23.59
CA GLU C 83 13.64 -10.37 -22.97
C GLU C 83 12.98 -9.09 -23.47
N GLY C 84 11.79 -8.82 -22.92
CA GLY C 84 11.02 -7.69 -23.38
C GLY C 84 9.98 -7.19 -22.40
N ILE C 85 8.97 -6.50 -22.93
CA ILE C 85 7.92 -5.89 -22.13
C ILE C 85 6.76 -6.85 -22.04
N TYR C 86 6.00 -6.78 -20.95
CA TYR C 86 4.85 -7.64 -20.72
C TYR C 86 3.68 -6.80 -20.23
N LYS C 87 2.59 -7.48 -19.88
CA LYS C 87 1.40 -6.83 -19.34
C LYS C 87 0.53 -7.90 -18.68
N VAL C 88 -0.08 -7.55 -17.56
CA VAL C 88 -1.00 -8.43 -16.85
C VAL C 88 -2.30 -7.67 -16.64
N GLU C 89 -3.40 -8.25 -17.10
CA GLU C 89 -4.72 -7.65 -16.96
C GLU C 89 -5.57 -8.52 -16.04
N ILE C 90 -6.21 -7.90 -15.06
CA ILE C 90 -7.01 -8.61 -14.06
C ILE C 90 -8.44 -8.11 -14.17
N ASP C 91 -9.37 -9.04 -14.38
CA ASP C 91 -10.78 -8.67 -14.49
C ASP C 91 -11.29 -8.29 -13.11
N THR C 92 -11.25 -6.99 -12.80
CA THR C 92 -11.58 -6.51 -11.46
C THR C 92 -13.03 -6.08 -11.32
N LYS C 93 -13.59 -5.39 -12.32
CA LYS C 93 -14.96 -4.90 -12.19
C LYS C 93 -15.94 -6.06 -12.10
N SER C 94 -15.71 -7.11 -12.88
CA SER C 94 -16.59 -8.28 -12.82
C SER C 94 -16.56 -8.91 -11.43
N TYR C 95 -15.44 -8.80 -10.72
CA TYR C 95 -15.32 -9.38 -9.40
C TYR C 95 -16.39 -8.82 -8.46
N TRP C 96 -16.44 -7.50 -8.33
CA TRP C 96 -17.21 -6.89 -7.26
C TRP C 96 -18.70 -6.92 -7.51
N LYS C 97 -19.12 -6.94 -8.78
CA LYS C 97 -20.55 -7.02 -9.07
C LYS C 97 -21.15 -8.28 -8.46
N ALA C 98 -20.42 -9.38 -8.50
CA ALA C 98 -20.89 -10.60 -7.85
C ALA C 98 -21.10 -10.39 -6.36
N LEU C 99 -20.13 -9.76 -5.70
CA LEU C 99 -20.27 -9.38 -4.31
C LEU C 99 -21.11 -8.13 -4.13
N GLY C 100 -21.74 -7.65 -5.20
CA GLY C 100 -22.61 -6.50 -5.08
C GLY C 100 -21.89 -5.21 -4.75
N ILE C 101 -20.62 -5.08 -5.13
CA ILE C 101 -19.85 -3.87 -4.93
C ILE C 101 -19.59 -3.24 -6.30
N SER C 102 -19.50 -1.91 -6.34
CA SER C 102 -19.31 -1.17 -7.58
C SER C 102 -17.96 -0.46 -7.54
N PRO C 103 -16.91 -1.07 -8.07
CA PRO C 103 -15.58 -0.47 -7.94
C PRO C 103 -15.42 0.74 -8.83
N PHE C 104 -14.48 1.60 -8.42
CA PHE C 104 -14.04 2.71 -9.26
C PHE C 104 -13.15 2.19 -10.39
N HIS C 105 -12.26 1.26 -10.07
CA HIS C 105 -11.37 0.71 -11.07
C HIS C 105 -12.11 -0.22 -12.01
N GLU C 106 -11.59 -0.34 -13.24
CA GLU C 106 -12.10 -1.29 -14.23
C GLU C 106 -11.22 -2.53 -14.32
N HIS C 107 -9.91 -2.35 -14.45
CA HIS C 107 -8.98 -3.46 -14.44
C HIS C 107 -7.60 -2.92 -14.10
N ALA C 108 -6.72 -3.83 -13.69
CA ALA C 108 -5.38 -3.47 -13.23
C ALA C 108 -4.34 -3.97 -14.22
N GLU C 109 -3.29 -3.17 -14.42
CA GLU C 109 -2.26 -3.50 -15.39
C GLU C 109 -0.89 -3.17 -14.82
N VAL C 110 0.04 -4.12 -14.93
CA VAL C 110 1.42 -3.94 -14.52
C VAL C 110 2.31 -4.17 -15.74
N VAL C 111 3.21 -3.22 -16.00
CA VAL C 111 4.05 -3.23 -17.20
C VAL C 111 5.50 -3.23 -16.76
N PHE C 112 6.27 -4.17 -17.28
CA PHE C 112 7.63 -4.37 -16.78
C PHE C 112 8.49 -5.00 -17.86
N THR C 113 9.80 -4.87 -17.69
CA THR C 113 10.79 -5.54 -18.52
C THR C 113 11.40 -6.66 -17.72
N ALA C 114 11.48 -7.85 -18.32
CA ALA C 114 11.85 -9.05 -17.59
C ALA C 114 13.01 -9.76 -18.29
N ASN C 115 13.70 -10.59 -17.50
CA ASN C 115 14.72 -11.50 -17.99
C ASN C 115 15.89 -10.78 -18.66
N ASP C 116 16.10 -9.51 -18.32
CA ASP C 116 17.20 -8.76 -18.92
C ASP C 116 18.55 -9.39 -18.57
N SER C 117 18.68 -9.90 -17.34
CA SER C 117 19.91 -10.53 -16.89
C SER C 117 19.76 -12.04 -16.75
N GLY C 118 18.74 -12.63 -17.38
CA GLY C 118 18.60 -14.06 -17.38
C GLY C 118 17.37 -14.54 -16.62
N PRO C 119 17.19 -15.86 -16.57
CA PRO C 119 16.03 -16.44 -15.86
C PRO C 119 16.00 -16.05 -14.40
N ARG C 120 14.88 -15.49 -13.96
CA ARG C 120 14.61 -15.23 -12.55
C ARG C 120 13.14 -15.53 -12.27
N ARG C 121 12.83 -15.76 -11.00
CA ARG C 121 11.47 -16.06 -10.57
C ARG C 121 10.81 -14.77 -10.11
N TYR C 122 9.67 -14.43 -10.71
CA TYR C 122 8.98 -13.18 -10.46
C TYR C 122 7.65 -13.45 -9.77
N THR C 123 7.45 -12.83 -8.61
CA THR C 123 6.19 -12.88 -7.89
C THR C 123 5.61 -11.48 -7.87
N ILE C 124 4.38 -11.34 -8.35
CA ILE C 124 3.71 -10.05 -8.49
C ILE C 124 2.61 -9.96 -7.45
N ALA C 125 2.71 -8.98 -6.57
CA ALA C 125 1.72 -8.78 -5.52
C ALA C 125 0.55 -7.97 -6.05
N ALA C 126 -0.62 -8.17 -5.44
CA ALA C 126 -1.80 -7.44 -5.85
C ALA C 126 -2.79 -7.42 -4.70
N LEU C 127 -2.83 -6.32 -3.95
CA LEU C 127 -3.75 -6.15 -2.84
C LEU C 127 -4.92 -5.31 -3.31
N LEU C 128 -5.96 -5.97 -3.80
CA LEU C 128 -7.10 -5.25 -4.34
C LEU C 128 -7.92 -4.60 -3.23
N SER C 129 -8.78 -3.69 -3.65
CA SER C 129 -9.77 -3.05 -2.80
C SER C 129 -10.72 -2.27 -3.70
N PRO C 130 -12.00 -2.20 -3.37
CA PRO C 130 -12.88 -1.25 -4.06
C PRO C 130 -12.34 0.15 -3.88
N TYR C 131 -11.98 0.78 -4.99
CA TYR C 131 -11.46 2.14 -5.12
C TYR C 131 -9.97 2.21 -4.83
N SER C 132 -9.26 1.09 -4.70
CA SER C 132 -7.85 1.15 -4.36
C SER C 132 -7.18 -0.17 -4.68
N TYR C 133 -5.91 -0.11 -5.05
CA TYR C 133 -5.12 -1.34 -5.24
C TYR C 133 -3.65 -1.01 -5.12
N SER C 134 -2.86 -2.07 -4.91
CA SER C 134 -1.42 -1.94 -4.73
C SER C 134 -0.74 -3.14 -5.36
N THR C 135 0.56 -2.99 -5.63
CA THR C 135 1.30 -4.09 -6.21
C THR C 135 2.78 -3.96 -5.89
N THR C 136 3.48 -5.08 -6.03
CA THR C 136 4.91 -5.15 -5.73
C THR C 136 5.51 -6.29 -6.52
N ALA C 137 6.83 -6.21 -6.73
CA ALA C 137 7.54 -7.18 -7.53
C ALA C 137 8.70 -7.78 -6.73
N VAL C 138 8.87 -9.09 -6.86
CA VAL C 138 9.93 -9.82 -6.18
C VAL C 138 10.76 -10.54 -7.23
N VAL C 139 12.08 -10.30 -7.20
CA VAL C 139 13.01 -10.91 -8.14
C VAL C 139 13.94 -11.83 -7.36
N THR C 140 14.77 -12.56 -8.10
CA THR C 140 15.75 -13.46 -7.54
C THR C 140 17.14 -13.11 -8.06
N ASN C 141 18.15 -13.60 -7.37
CA ASN C 141 19.53 -13.36 -7.80
C ASN C 141 19.88 -14.20 -9.03
N PRO C 142 19.63 -15.53 -9.02
CA PRO C 142 19.98 -16.24 -10.25
C PRO C 142 18.82 -16.34 -11.23
N LYS D 26 -8.42 22.12 -7.28
CA LYS D 26 -9.81 22.39 -7.63
C LYS D 26 -10.13 21.95 -9.05
N CYS D 27 -9.89 20.68 -9.34
CA CYS D 27 -10.16 20.12 -10.65
C CYS D 27 -10.89 18.80 -10.53
N PRO D 28 -11.73 18.46 -11.51
CA PRO D 28 -12.42 17.15 -11.46
C PRO D 28 -11.48 15.97 -11.55
N LEU D 29 -10.27 16.16 -12.06
CA LEU D 29 -9.27 15.09 -12.13
C LEU D 29 -7.97 15.60 -11.55
N MET D 30 -7.37 14.81 -10.66
CA MET D 30 -6.11 15.18 -10.02
C MET D 30 -5.28 13.93 -9.78
N VAL D 31 -3.98 14.03 -9.98
CA VAL D 31 -3.07 12.91 -9.77
C VAL D 31 -1.86 13.40 -8.99
N LYS D 32 -1.45 12.62 -7.98
CA LYS D 32 -0.30 12.96 -7.17
C LYS D 32 0.54 11.72 -6.94
N VAL D 33 1.86 11.90 -6.98
CA VAL D 33 2.82 10.81 -6.90
C VAL D 33 3.79 11.08 -5.76
N LEU D 34 3.91 10.12 -4.85
CA LEU D 34 4.78 10.23 -3.68
C LEU D 34 5.90 9.22 -3.78
N ASP D 35 7.14 9.69 -3.59
CA ASP D 35 8.30 8.82 -3.65
C ASP D 35 8.61 8.33 -2.24
N ALA D 36 8.60 7.01 -2.06
CA ALA D 36 8.83 6.45 -0.73
C ALA D 36 10.28 6.53 -0.30
N VAL D 37 11.23 6.25 -1.18
CA VAL D 37 12.63 6.16 -0.78
C VAL D 37 13.13 7.51 -0.28
N ARG D 38 12.85 8.58 -1.02
CA ARG D 38 13.23 9.90 -0.56
C ARG D 38 12.19 10.51 0.38
N GLY D 39 11.01 9.90 0.49
CA GLY D 39 9.98 10.43 1.36
C GLY D 39 9.50 11.81 0.99
N SER D 40 9.81 12.26 -0.22
CA SER D 40 9.44 13.57 -0.71
C SER D 40 8.48 13.42 -1.88
N PRO D 41 7.66 14.43 -2.15
CA PRO D 41 6.83 14.39 -3.36
C PRO D 41 7.71 14.21 -4.59
N ALA D 42 7.27 13.36 -5.50
CA ALA D 42 8.04 13.11 -6.70
C ALA D 42 8.03 14.35 -7.59
N ILE D 43 9.14 14.56 -8.29
CA ILE D 43 9.32 15.72 -9.15
C ILE D 43 9.59 15.24 -10.57
N ASN D 44 9.03 15.95 -11.54
CA ASN D 44 9.26 15.67 -12.96
C ASN D 44 8.87 14.23 -13.30
N VAL D 45 7.62 13.87 -13.02
CA VAL D 45 7.07 12.57 -13.38
C VAL D 45 6.13 12.78 -14.55
N ALA D 46 6.49 12.27 -15.72
CA ALA D 46 5.66 12.46 -16.90
C ALA D 46 4.34 11.70 -16.76
N VAL D 47 3.26 12.35 -17.19
CA VAL D 47 1.92 11.78 -17.11
C VAL D 47 1.27 11.91 -18.49
N HIS D 48 0.38 10.98 -18.80
CA HIS D 48 -0.40 11.03 -20.02
C HIS D 48 -1.81 10.55 -19.74
N VAL D 49 -2.77 11.07 -20.51
CA VAL D 49 -4.18 10.74 -20.34
C VAL D 49 -4.77 10.39 -21.70
N PHE D 50 -5.59 9.33 -21.74
CA PHE D 50 -6.18 8.86 -22.98
C PHE D 50 -7.70 8.87 -22.90
N ARG D 51 -8.34 8.39 -23.96
CA ARG D 51 -9.78 8.25 -24.01
C ARG D 51 -10.14 6.96 -24.74
N LYS D 52 -11.21 6.31 -24.31
CA LYS D 52 -11.63 5.04 -24.90
C LYS D 52 -12.25 5.33 -26.26
N ALA D 53 -11.45 5.21 -27.31
CA ALA D 53 -11.93 5.50 -28.66
C ALA D 53 -12.95 4.45 -29.10
N ALA D 54 -13.85 4.87 -29.99
CA ALA D 54 -14.88 3.96 -30.50
C ALA D 54 -14.25 2.77 -31.22
N ASP D 55 -13.05 2.92 -31.76
CA ASP D 55 -12.32 1.83 -32.36
C ASP D 55 -11.49 1.04 -31.36
N ASP D 56 -11.87 1.10 -30.07
CA ASP D 56 -11.14 0.44 -28.99
C ASP D 56 -9.69 0.92 -28.95
N THR D 57 -9.48 2.19 -29.27
CA THR D 57 -8.16 2.80 -29.24
C THR D 57 -8.11 3.81 -28.10
N TRP D 58 -6.98 4.49 -27.98
CA TRP D 58 -6.77 5.47 -26.92
C TRP D 58 -6.29 6.77 -27.54
N GLU D 59 -7.21 7.68 -27.81
CA GLU D 59 -6.85 8.99 -28.34
C GLU D 59 -6.20 9.82 -27.25
N PRO D 60 -4.99 10.33 -27.44
CA PRO D 60 -4.34 11.12 -26.40
C PRO D 60 -5.18 12.33 -26.03
N PHE D 61 -5.24 12.62 -24.74
CA PHE D 61 -6.12 13.67 -24.24
C PHE D 61 -5.35 14.76 -23.49
N ALA D 62 -4.48 14.38 -22.57
CA ALA D 62 -3.70 15.35 -21.82
C ALA D 62 -2.44 14.68 -21.30
N SER D 63 -1.39 15.48 -21.11
CA SER D 63 -0.10 14.95 -20.69
C SER D 63 0.67 16.04 -19.96
N GLY D 64 1.71 15.63 -19.25
CA GLY D 64 2.54 16.57 -18.53
C GLY D 64 3.43 15.88 -17.52
N LYS D 65 4.16 16.70 -16.77
CA LYS D 65 5.07 16.24 -15.74
C LYS D 65 4.68 16.84 -14.39
N THR D 66 5.36 16.39 -13.34
CA THR D 66 5.03 16.76 -11.97
C THR D 66 5.97 17.82 -11.42
N SER D 67 5.44 18.64 -10.52
CA SER D 67 6.17 19.76 -9.93
C SER D 67 6.82 19.32 -8.63
N GLU D 68 7.39 20.28 -7.90
CA GLU D 68 8.01 19.99 -6.61
C GLU D 68 6.99 19.60 -5.56
N SER D 69 5.72 19.97 -5.75
CA SER D 69 4.68 19.58 -4.82
C SER D 69 4.20 18.15 -5.02
N GLY D 70 4.62 17.50 -6.11
CA GLY D 70 4.19 16.15 -6.36
C GLY D 70 2.72 16.01 -6.72
N GLU D 71 2.09 17.08 -7.19
CA GLU D 71 0.69 17.05 -7.58
C GLU D 71 0.57 17.38 -9.07
N LEU D 72 -0.67 17.49 -9.54
CA LEU D 72 -0.96 17.85 -10.91
C LEU D 72 -1.57 19.24 -10.94
N HIS D 73 -1.02 20.10 -11.80
CA HIS D 73 -1.48 21.48 -11.94
C HIS D 73 -2.10 21.64 -13.32
N GLY D 74 -3.38 21.30 -13.42
CA GLY D 74 -4.12 21.47 -14.66
C GLY D 74 -4.13 20.22 -15.51
N LEU D 75 -5.25 19.50 -15.50
CA LEU D 75 -5.41 18.33 -16.35
C LEU D 75 -6.65 18.40 -17.23
N THR D 76 -7.82 18.61 -16.64
CA THR D 76 -9.07 18.61 -17.40
C THR D 76 -10.10 19.46 -16.67
N THR D 77 -10.71 20.39 -17.39
CA THR D 77 -11.82 21.15 -16.86
C THR D 77 -13.11 20.32 -16.97
N GLU D 78 -14.14 20.76 -16.25
CA GLU D 78 -15.43 20.09 -16.34
C GLU D 78 -16.00 20.19 -17.74
N GLU D 79 -15.58 21.19 -18.51
CA GLU D 79 -16.02 21.28 -19.90
C GLU D 79 -15.44 20.15 -20.74
N GLU D 80 -14.13 19.93 -20.64
CA GLU D 80 -13.51 18.84 -21.39
C GLU D 80 -13.82 17.49 -20.77
N PHE D 81 -14.06 17.46 -19.46
CA PHE D 81 -14.35 16.21 -18.76
C PHE D 81 -15.76 15.76 -19.11
N VAL D 82 -15.89 14.58 -19.71
CA VAL D 82 -17.17 13.99 -20.06
C VAL D 82 -17.15 12.52 -19.67
N GLU D 83 -18.22 11.82 -20.02
CA GLU D 83 -18.33 10.41 -19.71
C GLU D 83 -17.32 9.61 -20.55
N GLY D 84 -17.28 8.30 -20.31
CA GLY D 84 -16.42 7.40 -21.03
C GLY D 84 -15.38 6.76 -20.13
N ILE D 85 -14.57 5.92 -20.74
CA ILE D 85 -13.48 5.24 -20.05
C ILE D 85 -12.18 5.95 -20.37
N TYR D 86 -11.37 6.18 -19.35
CA TYR D 86 -10.14 6.96 -19.50
C TYR D 86 -8.98 6.18 -18.90
N LYS D 87 -7.78 6.48 -19.38
CA LYS D 87 -6.56 5.85 -18.90
C LYS D 87 -5.53 6.92 -18.61
N VAL D 88 -4.81 6.75 -17.50
CA VAL D 88 -3.76 7.67 -17.09
C VAL D 88 -2.51 6.86 -16.77
N GLU D 89 -1.37 7.33 -17.29
CA GLU D 89 -0.10 6.65 -17.11
C GLU D 89 0.92 7.61 -16.54
N ILE D 90 1.62 7.18 -15.50
CA ILE D 90 2.68 7.97 -14.87
C ILE D 90 4.00 7.35 -15.27
N ASP D 91 4.87 8.14 -15.88
CA ASP D 91 6.15 7.65 -16.37
C ASP D 91 7.13 7.51 -15.21
N THR D 92 7.59 6.30 -14.96
CA THR D 92 8.46 6.02 -13.84
C THR D 92 9.83 5.49 -14.24
N LYS D 93 9.97 4.90 -15.43
CA LYS D 93 11.26 4.35 -15.83
C LYS D 93 12.32 5.43 -15.91
N SER D 94 11.99 6.56 -16.52
CA SER D 94 12.93 7.67 -16.58
C SER D 94 13.18 8.28 -15.21
N TYR D 95 12.25 8.09 -14.26
CA TYR D 95 12.40 8.67 -12.94
C TYR D 95 13.64 8.14 -12.22
N TRP D 96 13.70 6.82 -12.01
CA TRP D 96 14.75 6.27 -11.19
C TRP D 96 16.10 6.29 -11.90
N LYS D 97 16.08 6.26 -13.23
CA LYS D 97 17.33 6.44 -13.98
C LYS D 97 17.93 7.80 -13.68
N ALA D 98 17.10 8.83 -13.65
CA ALA D 98 17.56 10.13 -13.17
C ALA D 98 18.02 10.03 -11.73
N LEU D 99 17.26 9.33 -10.89
CA LEU D 99 17.66 9.10 -9.51
C LEU D 99 18.87 8.20 -9.39
N GLY D 100 19.25 7.50 -10.45
CA GLY D 100 20.39 6.60 -10.37
C GLY D 100 20.06 5.25 -9.79
N ILE D 101 18.79 4.86 -9.76
CA ILE D 101 18.37 3.55 -9.29
C ILE D 101 17.79 2.78 -10.47
N SER D 102 17.87 1.46 -10.40
CA SER D 102 17.41 0.60 -11.49
C SER D 102 15.96 0.20 -11.22
N PRO D 103 15.00 0.65 -12.02
CA PRO D 103 13.60 0.34 -11.74
C PRO D 103 13.23 -1.11 -12.00
N PHE D 104 11.96 -1.42 -11.83
CA PHE D 104 11.37 -2.65 -12.34
C PHE D 104 10.22 -2.38 -13.30
N HIS D 105 9.25 -1.57 -12.88
CA HIS D 105 8.05 -1.35 -13.67
C HIS D 105 8.33 -0.45 -14.86
N GLU D 106 7.70 -0.77 -16.00
CA GLU D 106 7.74 0.14 -17.13
C GLU D 106 7.06 1.46 -16.79
N HIS D 107 5.86 1.38 -16.23
CA HIS D 107 5.11 2.55 -15.76
C HIS D 107 3.87 2.03 -15.06
N ALA D 108 3.08 2.95 -14.50
CA ALA D 108 1.86 2.61 -13.78
C ALA D 108 0.65 3.05 -14.57
N GLU D 109 -0.34 2.16 -14.69
CA GLU D 109 -1.52 2.40 -15.52
C GLU D 109 -2.77 2.34 -14.66
N VAL D 110 -3.54 3.42 -14.66
CA VAL D 110 -4.81 3.49 -13.94
C VAL D 110 -5.90 3.74 -14.97
N VAL D 111 -6.85 2.82 -15.06
CA VAL D 111 -7.95 2.90 -16.01
C VAL D 111 -9.26 2.72 -15.27
N PHE D 112 -10.25 3.54 -15.61
CA PHE D 112 -11.47 3.62 -14.81
C PHE D 112 -12.61 4.16 -15.66
N THR D 113 -13.82 3.93 -15.17
CA THR D 113 -15.01 4.48 -15.80
C THR D 113 -15.37 5.79 -15.12
N ALA D 114 -15.60 6.83 -15.91
CA ALA D 114 -15.85 8.16 -15.38
C ALA D 114 -17.26 8.62 -15.76
N ASN D 115 -17.88 9.36 -14.83
CA ASN D 115 -19.21 9.95 -15.06
C ASN D 115 -20.24 8.90 -15.42
N ASP D 116 -20.14 7.73 -14.79
CA ASP D 116 -21.10 6.66 -15.07
C ASP D 116 -22.50 7.06 -14.62
N SER D 117 -22.61 7.74 -13.49
CA SER D 117 -23.90 8.21 -12.98
C SER D 117 -24.05 9.71 -13.01
N GLY D 118 -22.96 10.47 -12.88
CA GLY D 118 -23.03 11.91 -12.86
C GLY D 118 -21.70 12.55 -12.56
N PRO D 119 -21.69 13.88 -12.42
CA PRO D 119 -20.44 14.59 -12.18
C PRO D 119 -19.85 14.26 -10.82
N ARG D 120 -18.53 14.37 -10.73
CA ARG D 120 -17.80 14.18 -9.49
C ARG D 120 -16.40 14.74 -9.65
N ARG D 121 -15.68 14.82 -8.54
CA ARG D 121 -14.28 15.23 -8.55
C ARG D 121 -13.41 14.03 -8.22
N TYR D 122 -12.46 13.74 -9.10
CA TYR D 122 -11.62 12.55 -8.99
C TYR D 122 -10.21 12.96 -8.61
N THR D 123 -9.66 12.29 -7.60
CA THR D 123 -8.27 12.48 -7.20
C THR D 123 -7.57 11.12 -7.27
N ILE D 124 -6.40 11.09 -7.88
CA ILE D 124 -5.62 9.86 -8.04
C ILE D 124 -4.34 10.01 -7.26
N ALA D 125 -4.12 9.11 -6.31
CA ALA D 125 -2.92 9.12 -5.49
C ALA D 125 -2.09 7.88 -5.81
N ALA D 126 -0.78 8.05 -5.90
CA ALA D 126 0.10 6.95 -6.28
C ALA D 126 1.37 7.01 -5.46
N LEU D 127 1.58 6.01 -4.61
CA LEU D 127 2.83 5.84 -3.87
C LEU D 127 3.79 5.04 -4.74
N LEU D 128 4.98 5.58 -4.96
CA LEU D 128 5.95 4.96 -5.84
C LEU D 128 7.18 4.53 -5.06
N SER D 129 7.61 3.30 -5.29
CA SER D 129 8.87 2.76 -4.81
C SER D 129 9.57 2.09 -5.97
N PRO D 130 10.89 1.92 -5.91
CA PRO D 130 11.62 1.36 -7.06
C PRO D 130 11.07 0.04 -7.56
N TYR D 131 10.62 -0.84 -6.67
CA TYR D 131 10.14 -2.16 -7.08
C TYR D 131 8.68 -2.39 -6.70
N SER D 132 7.94 -1.33 -6.37
CA SER D 132 6.55 -1.50 -5.98
C SER D 132 5.85 -0.15 -6.04
N TYR D 133 4.52 -0.20 -6.16
CA TYR D 133 3.73 1.01 -6.15
C TYR D 133 2.31 0.67 -5.75
N SER D 134 1.57 1.70 -5.34
CA SER D 134 0.20 1.54 -4.88
C SER D 134 -0.60 2.76 -5.30
N THR D 135 -1.91 2.59 -5.38
CA THR D 135 -2.75 3.71 -5.81
C THR D 135 -4.16 3.54 -5.31
N THR D 136 -4.90 4.65 -5.35
CA THR D 136 -6.28 4.71 -4.87
C THR D 136 -6.92 5.97 -5.43
N ALA D 137 -8.23 6.09 -5.22
CA ALA D 137 -8.96 7.22 -5.76
C ALA D 137 -10.05 7.66 -4.78
N VAL D 138 -10.49 8.90 -4.95
CA VAL D 138 -11.58 9.47 -4.16
C VAL D 138 -12.59 10.08 -5.12
N VAL D 139 -13.83 10.25 -4.65
CA VAL D 139 -14.92 10.69 -5.50
C VAL D 139 -15.61 11.88 -4.87
N THR D 140 -16.49 12.52 -5.64
CA THR D 140 -17.28 13.65 -5.17
C THR D 140 -18.57 13.81 -5.97
#